data_3MB5
#
_entry.id   3MB5
#
_cell.length_a   86.550
_cell.length_b   89.260
_cell.length_c   110.320
_cell.angle_alpha   90.00
_cell.angle_beta   90.00
_cell.angle_gamma   90.00
#
_symmetry.space_group_name_H-M   'I 2 2 2'
#
loop_
_entity.id
_entity.type
_entity.pdbx_description
1 polymer 'SAM-dependent methyltransferase'
2 non-polymer S-ADENOSYLMETHIONINE
3 non-polymer 'SULFATE ION'
4 non-polymer 1,2-ETHANEDIOL
5 non-polymer 'ACETATE ION'
6 water water
#
_entity_poly.entity_id   1
_entity_poly.type   'polypeptide(L)'
_entity_poly.pdbx_seq_one_letter_code
;MIREGDKVVLVDPRGKRYLITVSKRDFHTDLGILKLEEIIGRNFGEAIKSHKGHEFKILRPRIVDYLDKMKRGPQIVHPK
DAALIVAYAGISPGDFIVEAGVGSGALTLFLANIVGPEGRVVSYEIREDFAKLAWENIKWAGFDDRVTIKLKDIYEGIEE
ENVDHVILDLPQPERVVEHAAKALKPGGFFVAYTPCSNQVMRLHEKLREFKDYFMKPRTINVLVFDQEVKKECMRPRTTA
LVHTGYITFARRILE
;
_entity_poly.pdbx_strand_id   A
#
# COMPACT_ATOMS: atom_id res chain seq x y z
N MET A 1 -14.14 22.42 11.54
CA MET A 1 -15.28 21.99 10.68
C MET A 1 -14.86 21.64 9.26
N ILE A 2 -15.70 20.87 8.57
CA ILE A 2 -15.43 20.42 7.21
C ILE A 2 -15.68 21.55 6.21
N ARG A 3 -14.80 21.68 5.22
CA ARG A 3 -14.92 22.71 4.20
C ARG A 3 -15.05 22.12 2.80
N GLU A 4 -15.61 22.89 1.87
CA GLU A 4 -15.69 22.45 0.47
C GLU A 4 -14.30 22.07 0.00
N GLY A 5 -14.18 20.95 -0.71
CA GLY A 5 -12.88 20.48 -1.19
C GLY A 5 -12.20 19.44 -0.32
N ASP A 6 -12.61 19.37 0.95
CA ASP A 6 -12.12 18.36 1.89
C ASP A 6 -12.67 17.00 1.50
N LYS A 7 -11.92 15.95 1.83
CA LYS A 7 -12.42 14.59 1.66
C LYS A 7 -13.04 14.07 2.95
N VAL A 8 -14.10 13.29 2.82
CA VAL A 8 -14.72 12.64 3.97
C VAL A 8 -15.09 11.21 3.59
N VAL A 9 -15.28 10.39 4.62
CA VAL A 9 -15.85 9.06 4.46
C VAL A 9 -17.28 9.12 4.95
N LEU A 10 -18.21 8.66 4.12
CA LEU A 10 -19.62 8.56 4.52
C LEU A 10 -19.89 7.09 4.73
N VAL A 11 -20.51 6.77 5.87
CA VAL A 11 -20.83 5.40 6.21
C VAL A 11 -22.36 5.22 6.20
N ASP A 12 -22.83 4.35 5.32
CA ASP A 12 -24.27 4.10 5.14
C ASP A 12 -24.82 3.19 6.25
N PRO A 13 -26.15 3.01 6.31
CA PRO A 13 -26.69 2.22 7.40
C PRO A 13 -26.28 0.74 7.38
N ARG A 14 -25.79 0.25 6.26
CA ARG A 14 -25.28 -1.14 6.19
C ARG A 14 -23.80 -1.23 6.58
N GLY A 15 -23.17 -0.08 6.82
CA GLY A 15 -21.76 -0.03 7.19
C GLY A 15 -20.83 0.18 6.01
N LYS A 16 -21.39 0.35 4.82
CA LYS A 16 -20.58 0.56 3.62
C LYS A 16 -20.01 1.98 3.57
N ARG A 17 -18.74 2.08 3.18
CA ARG A 17 -18.07 3.39 3.15
C ARG A 17 -17.99 3.95 1.74
N TYR A 18 -18.13 5.27 1.66
CA TYR A 18 -17.89 6.03 0.44
C TYR A 18 -16.93 7.14 0.75
N LEU A 19 -15.80 7.16 0.04
CA LEU A 19 -14.78 8.19 0.22
C LEU A 19 -14.95 9.25 -0.86
N ILE A 20 -15.42 10.42 -0.46
CA ILE A 20 -15.85 11.44 -1.42
C ILE A 20 -15.16 12.78 -1.16
N THR A 21 -15.17 13.64 -2.18
CA THR A 21 -14.76 15.03 -2.01
C THR A 21 -16.02 15.87 -1.81
N VAL A 22 -15.99 16.74 -0.80
CA VAL A 22 -17.11 17.61 -0.49
C VAL A 22 -17.20 18.73 -1.53
N SER A 23 -18.34 18.79 -2.21
CA SER A 23 -18.64 19.86 -3.18
C SER A 23 -20.13 20.17 -3.12
N LYS A 24 -20.59 21.06 -3.99
CA LYS A 24 -22.01 21.37 -4.09
C LYS A 24 -22.54 20.61 -5.30
N ARG A 25 -22.73 19.31 -5.11
CA ARG A 25 -23.27 18.45 -6.13
C ARG A 25 -24.06 17.34 -5.47
N ASP A 26 -24.89 16.66 -6.27
CA ASP A 26 -25.62 15.50 -5.81
C ASP A 26 -24.74 14.28 -5.92
N PHE A 27 -24.83 13.40 -4.94
CA PHE A 27 -24.13 12.13 -4.95
C PHE A 27 -25.15 11.01 -4.90
N HIS A 28 -25.18 10.20 -5.94
CA HIS A 28 -26.16 9.12 -6.07
C HIS A 28 -25.71 7.83 -5.42
N THR A 29 -26.59 7.25 -4.59
CA THR A 29 -26.35 5.93 -4.01
C THR A 29 -27.59 5.05 -4.21
N ASP A 30 -27.44 3.77 -3.90
CA ASP A 30 -28.55 2.82 -3.94
C ASP A 30 -29.53 3.07 -2.80
N LEU A 31 -29.18 4.03 -1.93
CA LEU A 31 -30.06 4.40 -0.82
C LEU A 31 -30.55 5.84 -0.96
N GLY A 32 -30.45 6.36 -2.18
CA GLY A 32 -30.93 7.70 -2.49
C GLY A 32 -29.84 8.72 -2.72
N ILE A 33 -30.27 9.94 -2.99
CA ILE A 33 -29.40 11.04 -3.36
C ILE A 33 -28.97 11.84 -2.16
N LEU A 34 -27.67 12.10 -2.08
CA LEU A 34 -27.12 12.95 -1.04
C LEU A 34 -26.75 14.31 -1.58
N LYS A 35 -27.09 15.35 -0.82
CA LYS A 35 -26.67 16.70 -1.15
C LYS A 35 -25.36 16.97 -0.44
N LEU A 36 -24.24 16.82 -1.15
CA LEU A 36 -22.93 16.94 -0.49
C LEU A 36 -22.68 18.32 0.13
N GLU A 37 -23.38 19.34 -0.36
CA GLU A 37 -23.27 20.66 0.23
C GLU A 37 -23.62 20.67 1.72
N GLU A 38 -24.52 19.77 2.14
CA GLU A 38 -24.95 19.68 3.54
C GLU A 38 -23.81 19.32 4.50
N ILE A 39 -22.71 18.81 3.96
CA ILE A 39 -21.56 18.43 4.78
C ILE A 39 -20.69 19.64 5.16
N ILE A 40 -20.71 20.67 4.31
CA ILE A 40 -19.92 21.90 4.55
C ILE A 40 -20.35 22.52 5.88
N GLY A 41 -19.37 22.77 6.76
CA GLY A 41 -19.63 23.35 8.07
C GLY A 41 -20.02 22.37 9.17
N ARG A 42 -20.08 21.08 8.82
CA ARG A 42 -20.32 20.06 9.83
C ARG A 42 -18.99 19.58 10.43
N ASN A 43 -19.10 18.79 11.50
CA ASN A 43 -17.94 18.19 12.13
C ASN A 43 -17.99 16.67 11.98
N PHE A 44 -16.83 16.04 11.99
CA PHE A 44 -16.79 14.57 11.97
C PHE A 44 -17.56 13.98 13.12
N GLY A 45 -18.24 12.88 12.84
CA GLY A 45 -19.14 12.29 13.82
C GLY A 45 -20.61 12.61 13.59
N GLU A 46 -20.86 13.70 12.87
CA GLU A 46 -22.25 14.06 12.51
C GLU A 46 -22.75 13.23 11.31
N ALA A 47 -23.96 13.51 10.84
CA ALA A 47 -24.54 12.71 9.78
C ALA A 47 -25.39 13.57 8.85
N ILE A 48 -25.62 13.07 7.65
CA ILE A 48 -26.60 13.63 6.71
C ILE A 48 -27.55 12.51 6.26
N LYS A 49 -28.69 12.87 5.70
CA LYS A 49 -29.62 11.87 5.18
C LYS A 49 -29.78 12.01 3.69
N SER A 50 -30.03 10.88 3.02
CA SER A 50 -30.34 10.90 1.58
C SER A 50 -31.78 11.37 1.39
N HIS A 51 -32.19 11.57 0.14
CA HIS A 51 -33.57 12.02 -0.10
C HIS A 51 -34.61 10.96 0.32
N LYS A 52 -34.18 9.71 0.45
CA LYS A 52 -35.01 8.61 0.96
C LYS A 52 -34.98 8.44 2.49
N GLY A 53 -34.27 9.35 3.16
CA GLY A 53 -34.17 9.39 4.63
C GLY A 53 -33.19 8.45 5.29
N HIS A 54 -32.27 7.88 4.51
CA HIS A 54 -31.23 6.99 5.07
C HIS A 54 -30.04 7.79 5.55
N GLU A 55 -29.54 7.45 6.74
CA GLU A 55 -28.51 8.25 7.38
C GLU A 55 -27.12 7.83 6.91
N PHE A 56 -26.28 8.82 6.61
CA PHE A 56 -24.87 8.59 6.25
C PHE A 56 -24.02 9.34 7.26
N LYS A 57 -23.18 8.59 7.99
CA LYS A 57 -22.37 9.13 9.07
C LYS A 57 -21.05 9.61 8.52
N ILE A 58 -20.54 10.71 9.03
CA ILE A 58 -19.35 11.38 8.46
C ILE A 58 -18.09 11.12 9.28
N LEU A 59 -17.07 10.52 8.64
CA LEU A 59 -15.81 10.18 9.33
C LEU A 59 -14.62 10.79 8.56
N ARG A 60 -13.53 11.04 9.29
CA ARG A 60 -12.31 11.54 8.65
C ARG A 60 -11.60 10.41 7.94
N PRO A 61 -11.23 10.62 6.68
CA PRO A 61 -10.55 9.51 5.97
C PRO A 61 -9.23 9.13 6.62
N ARG A 62 -9.03 7.83 6.77
CA ARG A 62 -7.82 7.25 7.32
C ARG A 62 -7.17 6.43 6.24
N ILE A 63 -5.94 5.99 6.52
CA ILE A 63 -5.23 5.22 5.51
C ILE A 63 -6.03 3.99 5.09
N VAL A 64 -6.76 3.37 6.03
CA VAL A 64 -7.53 2.19 5.68
C VAL A 64 -8.60 2.50 4.60
N ASP A 65 -9.12 3.72 4.62
CA ASP A 65 -10.15 4.13 3.67
C ASP A 65 -9.55 4.34 2.30
N TYR A 66 -8.40 5.01 2.25
CA TYR A 66 -7.75 5.21 0.97
C TYR A 66 -7.34 3.88 0.37
N LEU A 67 -6.76 2.98 1.19
CA LEU A 67 -6.34 1.67 0.66
C LEU A 67 -7.52 0.86 0.16
N ASP A 68 -8.63 0.91 0.89
CA ASP A 68 -9.80 0.10 0.52
C ASP A 68 -10.52 0.64 -0.72
N LYS A 69 -10.45 1.95 -0.95
CA LYS A 69 -11.28 2.60 -1.97
C LYS A 69 -10.50 3.09 -3.20
N MET A 70 -9.18 2.87 -3.21
CA MET A 70 -8.35 3.29 -4.34
C MET A 70 -8.73 2.58 -5.65
N LYS A 71 -8.37 3.20 -6.77
CA LYS A 71 -8.54 2.59 -8.07
C LYS A 71 -7.46 1.52 -8.29
N ARG A 72 -7.88 0.34 -8.70
CA ARG A 72 -6.96 -0.79 -8.88
C ARG A 72 -6.76 -1.11 -10.36
N GLY A 73 -5.50 -1.23 -10.75
CA GLY A 73 -5.11 -1.66 -12.09
C GLY A 73 -4.35 -2.97 -11.97
N PRO A 74 -3.01 -2.91 -12.04
CA PRO A 74 -2.22 -4.13 -11.82
C PRO A 74 -2.45 -4.67 -10.40
N GLN A 75 -2.38 -5.99 -10.25
CA GLN A 75 -2.63 -6.68 -8.97
C GLN A 75 -1.93 -6.01 -7.80
N ILE A 76 -2.72 -5.58 -6.81
CA ILE A 76 -2.19 -4.90 -5.62
C ILE A 76 -1.57 -5.90 -4.63
N VAL A 77 -0.63 -5.43 -3.81
CA VAL A 77 -0.15 -6.19 -2.66
C VAL A 77 -1.20 -6.05 -1.55
N HIS A 78 -1.62 -7.20 -1.01
CA HIS A 78 -2.64 -7.28 0.03
C HIS A 78 -2.10 -6.64 1.32
N PRO A 79 -2.98 -5.97 2.08
CA PRO A 79 -2.57 -5.36 3.35
C PRO A 79 -1.85 -6.31 4.32
N LYS A 80 -2.19 -7.60 4.34
CA LYS A 80 -1.54 -8.55 5.24
C LYS A 80 -0.04 -8.68 4.89
N ASP A 81 0.27 -8.57 3.61
CA ASP A 81 1.64 -8.73 3.15
C ASP A 81 2.41 -7.43 3.36
N ALA A 82 1.77 -6.32 3.07
CA ALA A 82 2.38 -5.02 3.38
C ALA A 82 2.68 -4.92 4.89
N ALA A 83 1.76 -5.47 5.69
CA ALA A 83 1.92 -5.42 7.15
C ALA A 83 3.20 -6.13 7.57
N LEU A 84 3.44 -7.32 7.00
CA LEU A 84 4.62 -8.09 7.38
C LEU A 84 5.91 -7.50 6.80
N ILE A 85 5.81 -6.87 5.63
CA ILE A 85 6.96 -6.14 5.06
C ILE A 85 7.41 -5.03 6.01
N VAL A 86 6.45 -4.25 6.47
CA VAL A 86 6.74 -3.15 7.37
C VAL A 86 7.25 -3.68 8.72
N ALA A 87 6.60 -4.73 9.24
CA ALA A 87 6.98 -5.25 10.55
C ALA A 87 8.39 -5.88 10.58
N TYR A 88 8.66 -6.78 9.62
CA TYR A 88 9.88 -7.57 9.70
C TYR A 88 11.11 -6.83 9.16
N ALA A 89 10.89 -5.83 8.31
CA ALA A 89 12.00 -4.96 7.92
C ALA A 89 12.11 -3.74 8.82
N GLY A 90 11.20 -3.60 9.78
CA GLY A 90 11.25 -2.44 10.67
C GLY A 90 11.07 -1.11 10.00
N ILE A 91 10.16 -1.03 9.04
CA ILE A 91 9.99 0.22 8.29
C ILE A 91 9.40 1.27 9.22
N SER A 92 10.00 2.48 9.21
CA SER A 92 9.79 3.46 10.27
C SER A 92 9.63 4.88 9.72
N PRO A 93 8.95 5.74 10.50
CA PRO A 93 8.87 7.16 10.14
C PRO A 93 10.26 7.71 9.81
N GLY A 94 10.32 8.42 8.69
CA GLY A 94 11.57 9.06 8.23
C GLY A 94 12.41 8.24 7.27
N ASP A 95 12.06 6.96 7.07
CA ASP A 95 12.84 6.14 6.16
C ASP A 95 12.79 6.60 4.71
N PHE A 96 13.85 6.26 3.97
CA PHE A 96 13.97 6.47 2.54
C PHE A 96 13.89 5.11 1.85
N ILE A 97 12.85 4.94 1.05
CA ILE A 97 12.57 3.64 0.38
C ILE A 97 12.64 3.78 -1.13
N VAL A 98 13.26 2.79 -1.79
CA VAL A 98 13.13 2.62 -3.22
C VAL A 98 12.19 1.43 -3.42
N GLU A 99 11.14 1.66 -4.19
CA GLU A 99 10.14 0.62 -4.48
C GLU A 99 10.06 0.35 -5.98
N ALA A 100 9.78 -0.89 -6.38
CA ALA A 100 9.44 -1.14 -7.80
C ALA A 100 8.69 -2.44 -7.93
N GLY A 101 7.72 -2.56 -8.85
CA GLY A 101 7.16 -1.46 -9.63
C GLY A 101 5.99 -0.82 -8.90
N VAL A 102 5.72 0.44 -9.22
CA VAL A 102 4.62 1.16 -8.52
C VAL A 102 3.27 0.45 -8.70
N GLY A 103 3.03 -0.13 -9.87
CA GLY A 103 1.75 -0.85 -10.10
C GLY A 103 0.57 0.10 -9.95
N SER A 104 -0.38 -0.24 -9.07
CA SER A 104 -1.52 0.62 -8.78
C SER A 104 -1.22 1.63 -7.68
N GLY A 105 -0.08 1.45 -7.00
CA GLY A 105 0.28 2.28 -5.85
C GLY A 105 -0.28 1.82 -4.52
N ALA A 106 -0.77 0.59 -4.42
CA ALA A 106 -1.33 0.14 -3.13
C ALA A 106 -0.24 -0.02 -2.06
N LEU A 107 0.81 -0.75 -2.39
CA LEU A 107 1.94 -0.87 -1.49
C LEU A 107 2.57 0.52 -1.25
N THR A 108 2.66 1.33 -2.31
CA THR A 108 3.21 2.69 -2.20
C THR A 108 2.44 3.49 -1.15
N LEU A 109 1.11 3.40 -1.18
CA LEU A 109 0.29 4.16 -0.21
C LEU A 109 0.59 3.68 1.20
N PHE A 110 0.62 2.38 1.38
CA PHE A 110 0.88 1.80 2.69
C PHE A 110 2.25 2.26 3.24
N LEU A 111 3.28 2.19 2.41
CA LEU A 111 4.64 2.55 2.81
C LEU A 111 4.76 4.05 3.04
N ALA A 112 4.12 4.83 2.15
CA ALA A 112 4.16 6.29 2.28
C ALA A 112 3.55 6.74 3.61
N ASN A 113 2.45 6.10 3.98
CA ASN A 113 1.82 6.41 5.26
C ASN A 113 2.76 6.13 6.45
N ILE A 114 3.43 4.99 6.41
CA ILE A 114 4.32 4.62 7.50
C ILE A 114 5.52 5.56 7.58
N VAL A 115 6.10 5.94 6.45
CA VAL A 115 7.31 6.77 6.51
C VAL A 115 7.02 8.21 6.89
N GLY A 116 5.77 8.63 6.73
CA GLY A 116 5.37 9.97 7.20
C GLY A 116 5.86 11.06 6.25
N PRO A 117 5.45 12.30 6.50
CA PRO A 117 5.75 13.41 5.59
C PRO A 117 7.24 13.76 5.45
N GLU A 118 8.07 13.34 6.39
CA GLU A 118 9.52 13.54 6.29
C GLU A 118 10.28 12.32 5.75
N GLY A 119 9.55 11.22 5.52
CA GLY A 119 10.14 10.08 4.83
C GLY A 119 10.02 10.28 3.33
N ARG A 120 10.57 9.35 2.56
CA ARG A 120 10.53 9.46 1.11
C ARG A 120 10.43 8.09 0.48
N VAL A 121 9.59 8.00 -0.55
CA VAL A 121 9.48 6.80 -1.36
C VAL A 121 9.74 7.21 -2.81
N VAL A 122 10.69 6.54 -3.45
CA VAL A 122 10.91 6.67 -4.89
C VAL A 122 10.48 5.34 -5.53
N SER A 123 9.43 5.41 -6.34
CA SER A 123 8.88 4.18 -6.94
C SER A 123 9.18 4.14 -8.42
N TYR A 124 9.85 3.08 -8.86
CA TYR A 124 10.18 2.87 -10.28
C TYR A 124 9.05 2.18 -11.00
N GLU A 125 8.84 2.50 -12.28
CA GLU A 125 7.75 1.87 -13.05
C GLU A 125 8.09 1.98 -14.53
N ILE A 126 7.92 0.90 -15.25
CA ILE A 126 8.18 0.94 -16.70
C ILE A 126 6.93 1.20 -17.52
N ARG A 127 5.75 0.82 -17.01
CA ARG A 127 4.49 1.03 -17.73
C ARG A 127 3.94 2.41 -17.42
N GLU A 128 3.95 3.29 -18.42
CA GLU A 128 3.53 4.67 -18.18
C GLU A 128 2.04 4.82 -17.89
N ASP A 129 1.23 3.90 -18.43
CA ASP A 129 -0.20 3.84 -18.12
C ASP A 129 -0.43 3.50 -16.65
N PHE A 130 0.26 2.47 -16.16
CA PHE A 130 0.17 2.12 -14.72
C PHE A 130 0.70 3.25 -13.86
N ALA A 131 1.83 3.87 -14.25
CA ALA A 131 2.36 5.00 -13.48
C ALA A 131 1.39 6.15 -13.34
N LYS A 132 0.63 6.44 -14.41
CA LYS A 132 -0.40 7.48 -14.33
C LYS A 132 -1.53 7.15 -13.36
N LEU A 133 -1.99 5.90 -13.36
CA LEU A 133 -3.04 5.44 -12.44
C LEU A 133 -2.54 5.54 -10.99
N ALA A 134 -1.32 5.03 -10.76
CA ALA A 134 -0.74 5.07 -9.42
C ALA A 134 -0.61 6.50 -8.94
N TRP A 135 -0.17 7.41 -9.83
CA TRP A 135 0.05 8.78 -9.42
C TRP A 135 -1.27 9.47 -9.04
N GLU A 136 -2.34 9.13 -9.76
CA GLU A 136 -3.67 9.62 -9.39
C GLU A 136 -4.06 9.14 -7.99
N ASN A 137 -3.79 7.86 -7.70
CA ASN A 137 -4.06 7.35 -6.34
C ASN A 137 -3.23 8.09 -5.29
N ILE A 138 -1.95 8.30 -5.58
CA ILE A 138 -1.03 8.94 -4.64
C ILE A 138 -1.45 10.38 -4.35
N LYS A 139 -1.79 11.14 -5.39
CA LYS A 139 -2.26 12.52 -5.19
C LYS A 139 -3.58 12.56 -4.41
N TRP A 140 -4.45 11.61 -4.73
CA TRP A 140 -5.77 11.49 -4.08
C TRP A 140 -5.64 11.28 -2.58
N ALA A 141 -4.67 10.46 -2.16
CA ALA A 141 -4.41 10.17 -0.74
C ALA A 141 -3.52 11.23 -0.07
N GLY A 142 -3.02 12.18 -0.85
CA GLY A 142 -2.25 13.31 -0.34
C GLY A 142 -0.78 12.98 -0.09
N PHE A 143 -0.26 11.97 -0.77
CA PHE A 143 1.09 11.50 -0.52
C PHE A 143 2.07 11.95 -1.59
N ASP A 144 1.62 12.85 -2.47
CA ASP A 144 2.54 13.45 -3.45
C ASP A 144 3.59 14.37 -2.80
N ASP A 145 3.45 14.63 -1.49
CA ASP A 145 4.44 15.33 -0.69
C ASP A 145 5.73 14.51 -0.46
N ARG A 146 5.63 13.17 -0.55
CA ARG A 146 6.73 12.31 -0.11
C ARG A 146 7.05 11.17 -1.09
N VAL A 147 6.25 11.03 -2.15
CA VAL A 147 6.44 9.98 -3.16
C VAL A 147 6.79 10.59 -4.50
N THR A 148 7.78 10.01 -5.16
CA THR A 148 8.13 10.33 -6.55
C THR A 148 8.06 9.05 -7.38
N ILE A 149 7.58 9.15 -8.61
CA ILE A 149 7.62 8.01 -9.52
C ILE A 149 8.68 8.26 -10.59
N LYS A 150 9.54 7.28 -10.81
CA LYS A 150 10.53 7.33 -11.89
C LYS A 150 10.13 6.37 -12.97
N LEU A 151 10.02 6.88 -14.20
CA LEU A 151 9.72 6.03 -15.32
C LEU A 151 11.02 5.45 -15.84
N LYS A 152 11.49 4.41 -15.15
CA LYS A 152 12.79 3.80 -15.42
C LYS A 152 12.68 2.31 -15.13
N ASP A 153 13.43 1.53 -15.88
CA ASP A 153 13.55 0.10 -15.67
C ASP A 153 14.57 -0.12 -14.55
N ILE A 154 14.11 -0.56 -13.37
CA ILE A 154 15.02 -0.71 -12.23
C ILE A 154 16.11 -1.77 -12.41
N TYR A 155 15.91 -2.70 -13.36
CA TYR A 155 16.91 -3.72 -13.67
C TYR A 155 18.17 -3.07 -14.22
N GLU A 156 18.04 -1.84 -14.71
CA GLU A 156 19.18 -1.12 -15.27
C GLU A 156 19.98 -0.34 -14.24
N GLY A 157 19.43 -0.23 -13.02
CA GLY A 157 20.12 0.47 -11.95
C GLY A 157 19.22 1.20 -10.99
N ILE A 158 19.75 1.40 -9.79
CA ILE A 158 19.11 2.28 -8.80
C ILE A 158 19.99 3.50 -8.65
N GLU A 159 19.39 4.65 -8.92
CA GLU A 159 20.12 5.93 -8.91
C GLU A 159 20.37 6.44 -7.49
N GLU A 160 19.48 6.10 -6.57
CA GLU A 160 19.51 6.61 -5.20
C GLU A 160 20.61 5.96 -4.38
N GLU A 161 21.09 6.67 -3.36
CA GLU A 161 22.16 6.19 -2.49
C GLU A 161 21.71 6.27 -1.04
N ASN A 162 22.33 5.46 -0.18
CA ASN A 162 22.06 5.49 1.26
C ASN A 162 20.58 5.31 1.56
N VAL A 163 20.01 4.29 0.93
CA VAL A 163 18.59 3.96 0.99
C VAL A 163 18.34 3.08 2.21
N ASP A 164 17.23 3.30 2.91
CA ASP A 164 16.92 2.44 4.07
C ASP A 164 16.44 1.06 3.62
N HIS A 165 15.60 1.01 2.58
CA HIS A 165 15.01 -0.27 2.13
C HIS A 165 14.80 -0.26 0.63
N VAL A 166 14.96 -1.40 0.00
CA VAL A 166 14.57 -1.60 -1.38
C VAL A 166 13.45 -2.63 -1.33
N ILE A 167 12.25 -2.22 -1.75
CA ILE A 167 11.06 -3.08 -1.62
C ILE A 167 10.51 -3.40 -3.02
N LEU A 168 10.43 -4.69 -3.36
CA LEU A 168 10.13 -5.12 -4.74
C LEU A 168 8.89 -5.98 -4.88
N ASP A 169 8.09 -5.65 -5.89
CA ASP A 169 7.01 -6.50 -6.38
C ASP A 169 7.08 -6.37 -7.89
N LEU A 170 7.91 -7.23 -8.47
CA LEU A 170 8.06 -7.32 -9.92
C LEU A 170 8.54 -8.73 -10.25
N PRO A 171 8.58 -9.08 -11.53
CA PRO A 171 8.76 -10.51 -11.84
C PRO A 171 10.12 -11.12 -11.52
N GLN A 172 11.19 -10.33 -11.64
CA GLN A 172 12.53 -10.88 -11.51
C GLN A 172 13.36 -10.09 -10.51
N PRO A 173 13.02 -10.18 -9.23
CA PRO A 173 13.75 -9.40 -8.24
C PRO A 173 15.25 -9.73 -8.15
N GLU A 174 15.64 -10.93 -8.57
CA GLU A 174 17.06 -11.30 -8.62
C GLU A 174 17.86 -10.31 -9.47
N ARG A 175 17.22 -9.68 -10.46
CA ARG A 175 17.89 -8.67 -11.33
C ARG A 175 18.13 -7.36 -10.61
N VAL A 176 17.70 -7.25 -9.35
CA VAL A 176 17.85 -6.00 -8.60
C VAL A 176 18.81 -6.17 -7.42
N VAL A 177 19.21 -7.41 -7.11
CA VAL A 177 20.03 -7.69 -5.91
C VAL A 177 21.33 -6.90 -5.90
N GLU A 178 22.05 -6.93 -7.01
CA GLU A 178 23.34 -6.20 -7.10
C GLU A 178 23.12 -4.70 -6.93
N HIS A 179 22.09 -4.16 -7.59
CA HIS A 179 21.82 -2.71 -7.46
C HIS A 179 21.43 -2.34 -6.04
N ALA A 180 20.59 -3.19 -5.43
CA ALA A 180 20.21 -2.93 -4.05
C ALA A 180 21.39 -2.99 -3.08
N ALA A 181 22.30 -3.93 -3.30
CA ALA A 181 23.52 -4.04 -2.48
C ALA A 181 24.28 -2.70 -2.50
N LYS A 182 24.39 -2.11 -3.69
CA LYS A 182 25.07 -0.81 -3.80
C LYS A 182 24.31 0.32 -3.14
N ALA A 183 22.97 0.33 -3.26
CA ALA A 183 22.14 1.46 -2.84
C ALA A 183 21.85 1.48 -1.33
N LEU A 184 21.79 0.30 -0.73
CA LEU A 184 21.34 0.20 0.65
C LEU A 184 22.37 0.66 1.66
N LYS A 185 21.92 1.39 2.67
CA LYS A 185 22.73 1.62 3.88
C LYS A 185 23.12 0.31 4.51
N PRO A 186 24.26 0.27 5.22
CA PRO A 186 24.50 -0.87 6.11
C PRO A 186 23.29 -1.10 7.01
N GLY A 187 22.80 -2.33 7.06
CA GLY A 187 21.68 -2.66 7.92
C GLY A 187 20.33 -2.42 7.29
N GLY A 188 20.30 -1.85 6.09
CA GLY A 188 19.03 -1.64 5.35
C GLY A 188 18.51 -2.97 4.81
N PHE A 189 17.22 -3.02 4.47
CA PHE A 189 16.62 -4.30 4.00
C PHE A 189 16.33 -4.31 2.52
N PHE A 190 16.61 -5.46 1.90
CA PHE A 190 16.09 -5.81 0.61
C PHE A 190 14.87 -6.69 0.89
N VAL A 191 13.72 -6.36 0.30
CA VAL A 191 12.50 -7.16 0.47
C VAL A 191 11.86 -7.41 -0.87
N ALA A 192 11.49 -8.66 -1.17
CA ALA A 192 10.81 -8.96 -2.43
C ALA A 192 9.60 -9.84 -2.23
N TYR A 193 8.50 -9.42 -2.85
CA TYR A 193 7.23 -10.19 -2.86
C TYR A 193 7.18 -10.94 -4.19
N THR A 194 6.88 -12.24 -4.10
CA THR A 194 6.84 -13.11 -5.29
C THR A 194 5.76 -14.19 -5.16
N PRO A 195 4.76 -14.15 -6.05
CA PRO A 195 3.71 -15.20 -6.01
C PRO A 195 4.18 -16.64 -6.11
N CYS A 196 5.22 -16.92 -6.90
CA CYS A 196 5.55 -18.30 -7.28
C CYS A 196 6.74 -18.84 -6.52
N SER A 197 6.71 -20.13 -6.16
CA SER A 197 7.86 -20.74 -5.54
C SER A 197 9.10 -20.71 -6.47
N ASN A 198 8.89 -20.81 -7.79
CA ASN A 198 9.99 -20.74 -8.78
C ASN A 198 10.76 -19.43 -8.62
N GLN A 199 10.02 -18.36 -8.36
CA GLN A 199 10.68 -17.06 -8.20
C GLN A 199 11.49 -17.02 -6.91
N VAL A 200 10.98 -17.63 -5.83
CA VAL A 200 11.72 -17.68 -4.59
C VAL A 200 13.05 -18.42 -4.81
N MET A 201 12.98 -19.53 -5.54
CA MET A 201 14.18 -20.32 -5.85
C MET A 201 15.20 -19.47 -6.60
N ARG A 202 14.77 -18.76 -7.64
CA ARG A 202 15.69 -17.94 -8.45
C ARG A 202 16.28 -16.82 -7.61
N LEU A 203 15.46 -16.22 -6.75
CA LEU A 203 15.94 -15.14 -5.90
C LEU A 203 17.00 -15.63 -4.90
N HIS A 204 16.78 -16.78 -4.29
CA HIS A 204 17.73 -17.33 -3.33
C HIS A 204 19.04 -17.75 -4.02
N GLU A 205 18.97 -18.18 -5.27
CA GLU A 205 20.20 -18.48 -6.06
C GLU A 205 21.05 -17.21 -6.13
N LYS A 206 20.39 -16.09 -6.41
CA LYS A 206 21.10 -14.81 -6.53
C LYS A 206 21.58 -14.30 -5.17
N LEU A 207 20.77 -14.47 -4.14
CA LEU A 207 21.21 -14.08 -2.82
C LEU A 207 22.42 -14.91 -2.31
N ARG A 208 22.48 -16.20 -2.67
CA ARG A 208 23.65 -17.07 -2.33
C ARG A 208 24.89 -16.53 -3.03
N GLU A 209 24.75 -16.15 -4.30
CA GLU A 209 25.85 -15.51 -5.03
C GLU A 209 26.33 -14.27 -4.30
N PHE A 210 25.39 -13.53 -3.72
CA PHE A 210 25.69 -12.28 -3.00
C PHE A 210 25.73 -12.47 -1.48
N LYS A 211 26.08 -13.67 -1.03
CA LYS A 211 26.04 -14.01 0.40
C LYS A 211 26.86 -13.08 1.33
N ASP A 212 27.94 -12.53 0.80
CA ASP A 212 28.84 -11.64 1.57
C ASP A 212 28.38 -10.19 1.56
N TYR A 213 27.17 -9.97 1.07
CA TYR A 213 26.62 -8.62 1.03
C TYR A 213 25.40 -8.53 1.93
N PHE A 214 24.88 -9.68 2.35
CA PHE A 214 23.68 -9.76 3.18
C PHE A 214 23.80 -10.72 4.35
N MET A 215 22.99 -10.49 5.37
CA MET A 215 22.76 -11.49 6.41
C MET A 215 21.92 -12.61 5.80
N LYS A 216 21.75 -13.70 6.53
CA LYS A 216 21.00 -14.84 6.01
C LYS A 216 19.56 -14.38 5.65
N PRO A 217 19.12 -14.67 4.41
CA PRO A 217 17.77 -14.30 3.98
C PRO A 217 16.71 -15.16 4.62
N ARG A 218 15.50 -14.61 4.67
CA ARG A 218 14.38 -15.29 5.26
C ARG A 218 13.20 -15.11 4.32
N THR A 219 12.50 -16.21 4.03
CA THR A 219 11.28 -16.14 3.22
C THR A 219 10.11 -16.66 4.03
N ILE A 220 9.04 -15.88 3.99
CA ILE A 220 7.78 -16.21 4.72
C ILE A 220 6.57 -16.15 3.82
N ASN A 221 5.46 -16.74 4.28
CA ASN A 221 4.16 -16.41 3.71
C ASN A 221 3.15 -16.34 4.83
N VAL A 222 2.22 -15.43 4.65
CA VAL A 222 1.32 -15.01 5.72
C VAL A 222 -0.09 -15.39 5.38
N LEU A 223 -0.78 -16.03 6.34
CA LEU A 223 -2.17 -16.39 6.17
C LEU A 223 -2.97 -15.73 7.29
N VAL A 224 -4.05 -15.09 6.93
CA VAL A 224 -4.96 -14.44 7.92
C VAL A 224 -6.34 -15.09 7.83
N PHE A 225 -6.75 -15.71 8.92
CA PHE A 225 -8.05 -16.37 8.99
C PHE A 225 -9.03 -15.44 9.65
N ASP A 226 -10.20 -15.30 9.02
CA ASP A 226 -11.32 -14.61 9.68
C ASP A 226 -12.08 -15.59 10.51
N GLN A 227 -12.54 -15.13 11.66
CA GLN A 227 -13.40 -15.93 12.56
C GLN A 227 -14.83 -15.42 12.48
N GLU A 228 -15.77 -16.36 12.42
CA GLU A 228 -17.18 -16.01 12.51
C GLU A 228 -17.63 -16.22 13.94
N VAL A 229 -18.08 -15.16 14.60
CA VAL A 229 -18.42 -15.24 16.02
C VAL A 229 -19.88 -14.86 16.18
N LYS A 230 -20.74 -15.88 16.16
CA LYS A 230 -22.16 -15.67 16.41
C LYS A 230 -22.45 -16.10 17.85
N LYS A 231 -23.54 -15.60 18.42
CA LYS A 231 -23.89 -15.90 19.80
C LYS A 231 -23.77 -17.40 20.12
N GLU A 232 -24.20 -18.27 19.22
CA GLU A 232 -24.22 -19.69 19.56
C GLU A 232 -23.17 -20.51 18.82
N CYS A 233 -22.34 -19.84 18.02
CA CYS A 233 -21.36 -20.56 17.19
C CYS A 233 -20.18 -19.67 16.81
N MET A 234 -19.02 -19.98 17.37
CA MET A 234 -17.77 -19.42 16.89
C MET A 234 -17.01 -20.47 16.10
N ARG A 235 -16.61 -20.12 14.88
CA ARG A 235 -15.78 -21.00 14.06
C ARG A 235 -15.03 -20.16 13.04
N PRO A 236 -13.94 -20.70 12.49
CA PRO A 236 -13.32 -19.95 11.40
C PRO A 236 -14.30 -19.85 10.23
N ARG A 237 -14.24 -18.75 9.50
CA ARG A 237 -14.91 -18.63 8.21
C ARG A 237 -14.52 -19.83 7.32
N THR A 238 -15.48 -20.31 6.54
CA THR A 238 -15.34 -21.57 5.77
C THR A 238 -14.21 -21.51 4.76
N THR A 239 -14.11 -20.35 4.10
CA THR A 239 -13.13 -20.18 3.04
C THR A 239 -12.18 -19.04 3.41
N ALA A 240 -10.93 -19.16 2.98
CA ALA A 240 -9.97 -18.09 3.24
C ALA A 240 -9.12 -17.89 2.01
N LEU A 241 -8.56 -16.69 1.93
CA LEU A 241 -7.46 -16.40 1.01
C LEU A 241 -6.21 -17.03 1.60
N VAL A 242 -5.75 -18.14 1.03
CA VAL A 242 -4.61 -18.79 1.63
C VAL A 242 -3.28 -18.50 0.95
N HIS A 243 -3.31 -17.96 -0.27
CA HIS A 243 -2.04 -17.62 -0.88
C HIS A 243 -2.11 -16.36 -1.74
N THR A 244 -1.17 -15.44 -1.47
CA THR A 244 -0.94 -14.31 -2.36
C THR A 244 0.49 -14.41 -2.92
N GLY A 245 1.48 -14.29 -2.04
CA GLY A 245 2.87 -14.47 -2.44
C GLY A 245 3.77 -14.68 -1.26
N TYR A 246 4.99 -15.12 -1.55
CA TYR A 246 6.06 -15.26 -0.57
C TYR A 246 6.76 -13.91 -0.42
N ILE A 247 7.33 -13.67 0.76
CA ILE A 247 8.03 -12.41 1.03
C ILE A 247 9.42 -12.78 1.51
N THR A 248 10.44 -12.27 0.82
CA THR A 248 11.84 -12.59 1.13
C THR A 248 12.55 -11.34 1.62
N PHE A 249 13.22 -11.48 2.76
CA PHE A 249 13.95 -10.37 3.42
C PHE A 249 15.45 -10.69 3.43
N ALA A 250 16.32 -9.69 3.17
CA ALA A 250 17.76 -9.88 3.35
C ALA A 250 18.32 -8.55 3.82
N ARG A 251 19.01 -8.57 4.96
CA ARG A 251 19.52 -7.31 5.54
C ARG A 251 20.96 -7.11 5.07
N ARG A 252 21.24 -5.89 4.61
CA ARG A 252 22.54 -5.54 4.01
C ARG A 252 23.62 -5.47 5.09
N ILE A 253 24.75 -6.12 4.83
CA ILE A 253 25.90 -6.04 5.75
C ILE A 253 27.18 -6.04 4.91
N LEU A 254 28.15 -5.22 5.30
CA LEU A 254 29.35 -4.99 4.46
C LEU A 254 30.45 -5.99 4.75
N GLU A 255 30.91 -6.66 3.68
CA GLU A 255 32.12 -7.50 3.63
C GLU A 255 31.97 -8.88 4.27
#